data_5FSV
#
_entry.id   5FSV
#
_cell.length_a   78.390
_cell.length_b   54.540
_cell.length_c   58.820
_cell.angle_alpha   90.00
_cell.angle_beta   95.83
_cell.angle_gamma   90.00
#
_symmetry.space_group_name_H-M   'C 1 2 1'
#
loop_
_entity.id
_entity.type
_entity.pdbx_description
1 polymer MACRODOMAIN
2 non-polymer GLYCEROL
3 water water
#
_entity_poly.entity_id   1
_entity_poly.type   'polypeptide(L)'
_entity_poly.pdbx_seq_one_letter_code
;SMKRGRGGRVDPFEFVTYSGEEIKESSSEERVKEGANKSSPTRTRILSAALSPAERAIFDVPIEKWLSIDRSSLSGWKCA
VPRPVTIEQLRPVDPSDAILRHIALYRGPVTDLQLDAIVNAANTRCLGGGGVDGAIHRVAGPLLLRECATFNGCQTGECR
LTKGYQLPARYVLHTVGPVGERPDMLRKCYRSILSLALKNGLRSIGFCCVSTGVYGYPLLPATRIALGETRKFLEEHGGA
LDMCCFACFQEDEYKTYEKCVGKSSL
;
_entity_poly.pdbx_strand_id   A
#
loop_
_chem_comp.id
_chem_comp.type
_chem_comp.name
_chem_comp.formula
GOL non-polymer GLYCEROL 'C3 H8 O3'
#
# COMPACT_ATOMS: atom_id res chain seq x y z
N GLU A 14 -6.47 16.31 9.61
CA GLU A 14 -5.99 15.45 10.75
C GLU A 14 -5.10 14.29 10.30
N PHE A 15 -5.50 13.56 9.26
CA PHE A 15 -4.61 12.59 8.63
C PHE A 15 -3.45 13.28 7.95
N VAL A 16 -2.29 12.64 8.01
CA VAL A 16 -1.13 13.02 7.24
C VAL A 16 -1.15 12.17 5.98
N THR A 17 -1.24 12.83 4.83
CA THR A 17 -1.43 12.10 3.58
C THR A 17 -0.21 12.04 2.68
N TYR A 18 0.89 12.68 3.09
CA TYR A 18 2.14 12.61 2.34
C TYR A 18 3.30 12.62 3.32
N SER A 19 4.26 11.74 3.09
CA SER A 19 5.43 11.67 3.97
C SER A 19 6.44 12.76 3.66
N GLY A 20 6.38 13.34 2.45
CA GLY A 20 7.36 14.33 2.01
C GLY A 20 6.90 15.76 2.19
N GLU A 21 7.59 16.67 1.50
CA GLU A 21 7.25 18.10 1.49
C GLU A 21 6.72 18.50 0.12
N GLU A 22 5.69 19.36 0.12
CA GLU A 22 5.07 19.84 -1.11
C GLU A 22 5.92 20.96 -1.73
N SER A 40 -1.00 20.67 -14.78
CA SER A 40 -0.90 19.41 -15.53
C SER A 40 -2.13 19.23 -16.40
N PRO A 41 -1.94 19.21 -17.74
CA PRO A 41 -3.06 18.90 -18.63
C PRO A 41 -3.73 17.55 -18.33
N THR A 42 -2.92 16.55 -17.98
CA THR A 42 -3.47 15.22 -17.71
C THR A 42 -4.34 15.28 -16.46
N ARG A 43 -3.86 15.92 -15.40
CA ARG A 43 -4.64 15.97 -14.16
C ARG A 43 -5.92 16.77 -14.34
N THR A 44 -5.81 17.90 -15.03
CA THR A 44 -6.97 18.73 -15.35
C THR A 44 -8.07 17.90 -16.01
N ARG A 45 -7.69 17.10 -16.97
CA ARG A 45 -8.66 16.33 -17.73
C ARG A 45 -9.19 15.14 -16.92
N ILE A 46 -8.39 14.55 -16.05
CA ILE A 46 -8.90 13.51 -15.15
C ILE A 46 -9.98 14.10 -14.24
N LEU A 47 -9.67 15.26 -13.67
CA LEU A 47 -10.58 15.89 -12.72
C LEU A 47 -11.83 16.48 -13.37
N SER A 48 -11.78 16.78 -14.66
CA SER A 48 -12.96 17.30 -15.32
C SER A 48 -13.88 16.21 -15.86
N ALA A 49 -13.49 14.94 -15.77
CA ALA A 49 -14.33 13.85 -16.23
C ALA A 49 -15.58 13.72 -15.35
N ALA A 50 -16.71 13.35 -15.95
CA ALA A 50 -17.96 13.30 -15.21
C ALA A 50 -17.96 12.18 -14.18
N LEU A 51 -18.61 12.47 -13.06
CA LEU A 51 -18.93 11.50 -12.04
C LEU A 51 -20.42 11.41 -11.86
N SER A 52 -20.89 10.23 -11.50
CA SER A 52 -22.26 10.11 -11.06
C SER A 52 -22.44 10.67 -9.67
N PRO A 53 -23.67 10.98 -9.29
CA PRO A 53 -23.91 11.41 -7.90
C PRO A 53 -23.38 10.41 -6.86
N ALA A 54 -23.55 9.12 -7.15
CA ALA A 54 -23.11 8.08 -6.23
C ALA A 54 -21.58 8.06 -6.12
N GLU A 55 -20.88 8.24 -7.23
CA GLU A 55 -19.42 8.37 -7.19
C GLU A 55 -18.99 9.62 -6.44
N ARG A 56 -19.69 10.74 -6.64
CA ARG A 56 -19.33 11.93 -5.90
C ARG A 56 -19.43 11.73 -4.39
N ALA A 57 -20.48 11.03 -3.96
CA ALA A 57 -20.65 10.76 -2.54
C ALA A 57 -19.47 9.99 -1.95
N ILE A 58 -18.95 9.04 -2.71
CA ILE A 58 -17.79 8.27 -2.25
C ILE A 58 -16.55 9.17 -2.21
N PHE A 59 -16.36 9.93 -3.30
CA PHE A 59 -15.20 10.79 -3.41
C PHE A 59 -15.20 11.85 -2.31
N ASP A 60 -16.39 12.30 -1.93
CA ASP A 60 -16.58 13.33 -0.90
C ASP A 60 -16.25 12.87 0.53
N VAL A 61 -16.22 11.56 0.81
CA VAL A 61 -15.97 11.13 2.18
C VAL A 61 -14.60 11.65 2.62
N PRO A 62 -14.53 12.39 3.74
CA PRO A 62 -13.22 12.82 4.16
C PRO A 62 -12.29 11.65 4.44
N ILE A 63 -11.04 11.82 4.08
CA ILE A 63 -10.10 10.71 4.12
C ILE A 63 -10.03 9.98 5.46
N GLU A 64 -10.06 10.72 6.55
CA GLU A 64 -9.95 10.10 7.88
C GLU A 64 -11.18 9.26 8.24
N LYS A 65 -12.35 9.53 7.64
CA LYS A 65 -13.58 8.80 7.94
CA LYS A 65 -13.58 8.81 7.92
C LYS A 65 -13.61 7.44 7.23
N TRP A 66 -12.83 7.29 6.17
CA TRP A 66 -12.90 6.08 5.35
C TRP A 66 -12.48 4.82 6.11
N LEU A 67 -11.59 4.96 7.09
CA LEU A 67 -11.10 3.81 7.86
C LEU A 67 -12.24 3.05 8.51
N SER A 68 -13.19 3.77 9.07
CA SER A 68 -14.24 3.16 9.90
C SER A 68 -15.65 3.19 9.31
N ILE A 69 -15.83 3.89 8.20
CA ILE A 69 -17.16 4.02 7.62
C ILE A 69 -17.70 2.66 7.19
N ASP A 70 -19.01 2.49 7.27
CA ASP A 70 -19.65 1.33 6.64
C ASP A 70 -19.72 1.66 5.15
N ARG A 71 -18.80 1.12 4.36
CA ARG A 71 -18.73 1.49 2.94
C ARG A 71 -19.99 1.05 2.20
N SER A 72 -20.66 0.00 2.67
CA SER A 72 -21.90 -0.45 2.04
CA SER A 72 -21.91 -0.47 2.07
C SER A 72 -23.06 0.53 2.22
N SER A 73 -22.90 1.53 3.09
CA SER A 73 -23.89 2.60 3.22
C SER A 73 -23.88 3.60 2.05
N LEU A 74 -22.86 3.52 1.22
CA LEU A 74 -22.71 4.38 0.05
C LEU A 74 -23.25 3.63 -1.16
N SER A 75 -24.28 4.19 -1.80
CA SER A 75 -24.92 3.45 -2.87
CA SER A 75 -24.94 3.52 -2.91
C SER A 75 -24.02 3.17 -4.06
N GLY A 76 -22.96 3.95 -4.25
CA GLY A 76 -22.06 3.70 -5.36
C GLY A 76 -20.94 2.71 -5.09
N TRP A 77 -20.84 2.18 -3.86
CA TRP A 77 -19.69 1.39 -3.48
C TRP A 77 -19.98 -0.09 -3.66
N LYS A 78 -18.95 -0.78 -4.07
CA LYS A 78 -18.91 -2.23 -3.95
CA LYS A 78 -18.87 -2.24 -4.06
C LYS A 78 -17.45 -2.64 -3.75
N CYS A 79 -17.27 -3.80 -3.15
CA CYS A 79 -15.94 -4.40 -3.08
C CYS A 79 -15.73 -5.25 -4.32
N ALA A 80 -14.66 -4.98 -5.05
CA ALA A 80 -14.41 -5.66 -6.32
C ALA A 80 -13.66 -6.98 -6.19
N VAL A 81 -13.35 -7.40 -4.97
CA VAL A 81 -12.68 -8.68 -4.69
C VAL A 81 -13.71 -9.59 -4.02
N PRO A 82 -14.10 -10.70 -4.71
CA PRO A 82 -15.20 -11.54 -4.19
C PRO A 82 -15.00 -12.20 -2.83
N ARG A 83 -13.76 -12.54 -2.50
CA ARG A 83 -13.50 -13.21 -1.21
C ARG A 83 -12.20 -12.71 -0.61
N PRO A 84 -12.27 -11.54 0.02
CA PRO A 84 -11.05 -10.92 0.48
C PRO A 84 -10.37 -11.77 1.57
N VAL A 85 -9.06 -11.62 1.67
CA VAL A 85 -8.24 -12.32 2.66
C VAL A 85 -8.13 -11.40 3.86
N THR A 86 -8.66 -11.86 5.00
CA THR A 86 -8.68 -11.05 6.19
C THR A 86 -7.48 -11.35 7.09
N ILE A 87 -7.29 -10.50 8.08
CA ILE A 87 -6.14 -10.60 8.95
C ILE A 87 -6.09 -11.97 9.66
N GLU A 88 -7.27 -12.44 10.08
N GLU A 88 -7.25 -12.48 10.08
CA GLU A 88 -7.46 -13.76 10.69
CA GLU A 88 -7.30 -13.78 10.76
C GLU A 88 -7.01 -14.95 9.84
C GLU A 88 -7.09 -15.00 9.84
N GLN A 89 -7.10 -14.80 8.52
CA GLN A 89 -6.78 -15.87 7.56
C GLN A 89 -5.28 -16.02 7.28
N LEU A 90 -4.53 -14.96 7.52
CA LEU A 90 -3.10 -14.99 7.30
C LEU A 90 -2.42 -15.77 8.40
N ARG A 91 -1.27 -16.30 8.06
CA ARG A 91 -0.47 -16.95 9.08
C ARG A 91 0.86 -16.31 9.18
N PRO A 92 1.24 -15.86 10.39
CA PRO A 92 2.53 -15.24 10.45
C PRO A 92 3.66 -16.21 10.21
N VAL A 93 4.81 -15.65 9.91
CA VAL A 93 6.01 -16.41 9.64
C VAL A 93 6.38 -17.28 10.84
N ASP A 94 6.31 -16.69 12.04
CA ASP A 94 6.63 -17.42 13.28
C ASP A 94 5.84 -16.85 14.44
N PRO A 95 4.72 -17.47 14.79
CA PRO A 95 3.90 -16.96 15.90
C PRO A 95 4.61 -16.80 17.24
N SER A 96 5.71 -17.55 17.44
CA SER A 96 6.42 -17.49 18.70
CA SER A 96 6.41 -17.48 18.72
C SER A 96 7.41 -16.34 18.77
N ASP A 97 7.88 -15.85 17.61
CA ASP A 97 8.88 -14.81 17.62
C ASP A 97 8.22 -13.47 17.94
N ALA A 98 8.94 -12.61 18.65
CA ALA A 98 8.44 -11.30 19.07
C ALA A 98 8.07 -10.43 17.86
N ILE A 99 8.87 -10.51 16.82
CA ILE A 99 8.70 -9.71 15.59
C ILE A 99 7.98 -10.45 14.48
N LEU A 100 8.45 -11.66 14.18
CA LEU A 100 7.89 -12.44 13.09
C LEU A 100 6.48 -12.94 13.30
N ARG A 101 5.92 -12.77 14.49
CA ARG A 101 4.48 -13.01 14.65
C ARG A 101 3.64 -11.93 13.98
N HIS A 102 4.24 -10.76 13.68
CA HIS A 102 3.57 -9.66 12.99
C HIS A 102 3.90 -9.55 11.51
N ILE A 103 4.56 -10.55 10.91
CA ILE A 103 4.89 -10.58 9.50
C ILE A 103 4.28 -11.83 8.92
N ALA A 104 3.62 -11.72 7.79
CA ALA A 104 3.07 -12.85 7.06
C ALA A 104 3.46 -12.75 5.62
N LEU A 105 3.53 -13.87 4.94
CA LEU A 105 3.71 -13.92 3.49
C LEU A 105 2.43 -14.40 2.89
N TYR A 106 2.08 -13.84 1.73
CA TYR A 106 0.86 -14.23 1.02
C TYR A 106 1.20 -14.52 -0.43
N ARG A 107 0.78 -15.69 -0.92
CA ARG A 107 0.91 -16.05 -2.33
CA ARG A 107 0.92 -16.04 -2.33
C ARG A 107 -0.30 -15.52 -3.08
N GLY A 108 -0.15 -14.36 -3.70
CA GLY A 108 -1.22 -13.77 -4.48
C GLY A 108 -1.01 -12.28 -4.56
N PRO A 109 -1.94 -11.62 -5.24
CA PRO A 109 -1.83 -10.18 -5.41
C PRO A 109 -2.20 -9.42 -4.14
N VAL A 110 -1.53 -8.29 -3.94
CA VAL A 110 -1.74 -7.49 -2.76
C VAL A 110 -3.19 -6.99 -2.67
N THR A 111 -3.86 -6.85 -3.82
CA THR A 111 -5.24 -6.38 -3.86
C THR A 111 -6.24 -7.29 -3.15
N ASP A 112 -5.88 -8.55 -2.95
CA ASP A 112 -6.74 -9.47 -2.23
C ASP A 112 -6.91 -9.15 -0.74
N LEU A 113 -5.99 -8.36 -0.18
CA LEU A 113 -5.84 -8.26 1.26
C LEU A 113 -6.75 -7.22 1.89
N GLN A 114 -7.59 -7.66 2.82
CA GLN A 114 -8.48 -6.79 3.57
C GLN A 114 -7.78 -6.30 4.81
N LEU A 115 -6.88 -5.36 4.63
CA LEU A 115 -6.09 -4.78 5.70
C LEU A 115 -6.35 -3.29 5.72
N ASP A 116 -5.79 -2.58 6.70
CA ASP A 116 -6.04 -1.15 6.75
C ASP A 116 -5.45 -0.43 5.54
N ALA A 117 -4.32 -0.87 5.01
CA ALA A 117 -3.74 -0.25 3.82
C ALA A 117 -3.02 -1.28 3.01
N ILE A 118 -2.95 -1.08 1.71
CA ILE A 118 -2.02 -1.80 0.85
C ILE A 118 -1.09 -0.81 0.17
N VAL A 119 0.04 -1.30 -0.25
CA VAL A 119 1.07 -0.52 -0.89
C VAL A 119 0.98 -0.67 -2.39
N ASN A 120 1.08 0.48 -3.07
CA ASN A 120 1.19 0.54 -4.52
C ASN A 120 2.57 1.01 -4.89
N ALA A 121 3.23 0.27 -5.77
CA ALA A 121 4.53 0.66 -6.31
C ALA A 121 4.30 1.57 -7.52
N ALA A 122 4.37 2.87 -7.27
CA ALA A 122 4.05 3.91 -8.22
C ALA A 122 5.28 4.50 -8.86
N ASN A 123 5.06 5.36 -9.86
CA ASN A 123 6.16 6.18 -10.35
C ASN A 123 5.95 7.63 -9.90
N THR A 124 6.90 8.50 -10.22
CA THR A 124 6.86 9.85 -9.66
C THR A 124 5.66 10.67 -10.16
N ARG A 125 5.11 10.31 -11.31
CA ARG A 125 3.90 10.99 -11.77
C ARG A 125 2.69 10.56 -10.94
N CYS A 126 2.70 9.30 -10.47
CA CYS A 126 1.69 8.78 -9.58
C CYS A 126 0.28 8.98 -10.17
N LEU A 127 0.12 8.56 -11.43
CA LEU A 127 -1.19 8.54 -12.15
C LEU A 127 -1.38 7.19 -12.85
N GLY A 128 -0.93 6.12 -12.20
CA GLY A 128 -1.09 4.76 -12.70
C GLY A 128 0.03 4.32 -13.60
N GLY A 129 -0.10 3.12 -14.15
CA GLY A 129 0.95 2.52 -14.97
C GLY A 129 0.70 1.04 -15.12
N GLY A 130 1.77 0.29 -15.35
CA GLY A 130 1.69 -1.15 -15.52
C GLY A 130 1.92 -1.87 -14.21
N GLY A 131 2.11 -3.18 -14.28
CA GLY A 131 2.39 -4.00 -13.11
C GLY A 131 1.37 -3.84 -12.00
N VAL A 132 1.84 -3.83 -10.75
CA VAL A 132 0.95 -3.74 -9.59
C VAL A 132 0.14 -2.45 -9.59
N ASP A 133 0.76 -1.38 -10.07
CA ASP A 133 0.14 -0.06 -10.15
C ASP A 133 -1.12 -0.16 -11.00
N GLY A 134 -0.98 -0.70 -12.21
CA GLY A 134 -2.13 -0.97 -13.07
C GLY A 134 -3.19 -1.85 -12.41
N ALA A 135 -2.76 -2.91 -11.75
CA ALA A 135 -3.68 -3.84 -11.10
C ALA A 135 -4.50 -3.16 -10.00
N ILE A 136 -3.82 -2.40 -9.15
CA ILE A 136 -4.46 -1.71 -8.04
C ILE A 136 -5.53 -0.74 -8.56
N HIS A 137 -5.17 0.03 -9.59
CA HIS A 137 -6.12 0.94 -10.22
C HIS A 137 -7.32 0.20 -10.81
N ARG A 138 -7.08 -0.95 -11.46
CA ARG A 138 -8.17 -1.73 -12.04
C ARG A 138 -9.18 -2.23 -10.97
N VAL A 139 -8.66 -2.75 -9.88
CA VAL A 139 -9.54 -3.27 -8.83
C VAL A 139 -10.25 -2.14 -8.07
N ALA A 140 -9.50 -1.08 -7.75
CA ALA A 140 -10.05 0.02 -6.94
C ALA A 140 -11.12 0.81 -7.68
N GLY A 141 -11.00 0.85 -9.00
CA GLY A 141 -11.89 1.61 -9.83
C GLY A 141 -11.38 2.99 -10.10
N PRO A 142 -12.14 3.77 -10.91
CA PRO A 142 -11.64 5.03 -11.45
C PRO A 142 -11.40 6.14 -10.43
N LEU A 143 -12.03 6.06 -9.27
CA LEU A 143 -11.83 7.10 -8.30
C LEU A 143 -10.45 7.13 -7.71
N LEU A 144 -9.71 6.01 -7.78
CA LEU A 144 -8.33 6.01 -7.29
C LEU A 144 -7.48 6.95 -8.13
N LEU A 145 -7.57 6.83 -9.46
CA LEU A 145 -6.88 7.76 -10.34
C LEU A 145 -7.35 9.18 -10.10
N ARG A 146 -8.65 9.37 -9.91
CA ARG A 146 -9.16 10.71 -9.66
CA ARG A 146 -9.12 10.73 -9.65
C ARG A 146 -8.49 11.33 -8.41
N GLU A 147 -8.38 10.53 -7.34
CA GLU A 147 -7.77 11.06 -6.14
C GLU A 147 -6.28 11.35 -6.36
N CYS A 148 -5.61 10.50 -7.13
CA CYS A 148 -4.19 10.72 -7.42
C CYS A 148 -4.00 12.02 -8.22
N ALA A 149 -4.99 12.41 -9.03
CA ALA A 149 -4.90 13.64 -9.79
C ALA A 149 -5.05 14.89 -8.94
N THR A 150 -5.44 14.77 -7.68
CA THR A 150 -5.56 15.90 -6.79
C THR A 150 -4.25 16.35 -6.16
N PHE A 151 -3.16 15.63 -6.40
CA PHE A 151 -1.86 16.04 -5.88
C PHE A 151 -0.80 15.91 -6.95
N ASN A 152 0.36 16.51 -6.70
CA ASN A 152 1.41 16.61 -7.71
C ASN A 152 2.44 15.50 -7.61
N GLY A 153 1.98 14.29 -7.89
CA GLY A 153 2.88 13.16 -7.93
C GLY A 153 3.43 12.76 -6.57
N CYS A 154 4.56 12.07 -6.60
CA CYS A 154 5.17 11.53 -5.38
C CYS A 154 6.67 11.45 -5.63
N GLN A 155 7.47 12.02 -4.71
CA GLN A 155 8.93 11.96 -4.85
C GLN A 155 9.42 10.55 -4.49
N THR A 156 10.55 10.19 -5.08
CA THR A 156 11.20 8.93 -4.77
C THR A 156 11.49 8.86 -3.27
N GLY A 157 11.14 7.72 -2.66
CA GLY A 157 11.31 7.50 -1.22
C GLY A 157 10.17 7.92 -0.36
N GLU A 158 9.18 8.61 -0.93
CA GLU A 158 8.03 9.13 -0.19
C GLU A 158 6.81 8.30 -0.51
N CYS A 159 5.73 8.58 0.20
CA CYS A 159 4.50 7.84 0.13
CA CYS A 159 4.49 7.91 -0.10
C CYS A 159 3.31 8.80 0.16
N ARG A 160 2.31 8.60 -0.69
CA ARG A 160 1.03 9.28 -0.66
C ARG A 160 -0.06 8.33 -0.20
N LEU A 161 -0.93 8.80 0.67
CA LEU A 161 -2.07 8.04 1.17
C LEU A 161 -3.35 8.47 0.49
N THR A 162 -4.09 7.52 -0.07
CA THR A 162 -5.40 7.75 -0.66
C THR A 162 -6.39 6.75 -0.14
N LYS A 163 -7.68 7.02 -0.30
CA LYS A 163 -8.69 6.01 -0.10
CA LYS A 163 -8.70 6.01 -0.11
C LYS A 163 -8.48 4.85 -1.08
N GLY A 164 -9.00 3.68 -0.72
CA GLY A 164 -8.84 2.49 -1.54
C GLY A 164 -10.07 2.12 -2.33
N TYR A 165 -11.17 2.88 -2.20
CA TYR A 165 -12.35 2.75 -3.07
C TYR A 165 -12.82 1.30 -3.08
N GLN A 166 -12.85 0.62 -4.23
CA GLN A 166 -13.42 -0.72 -4.29
C GLN A 166 -12.52 -1.85 -3.77
N LEU A 167 -11.29 -1.52 -3.38
CA LEU A 167 -10.45 -2.52 -2.72
C LEU A 167 -11.04 -2.95 -1.40
N PRO A 168 -10.78 -4.21 -0.96
CA PRO A 168 -11.15 -4.57 0.41
C PRO A 168 -10.34 -3.78 1.44
N ALA A 169 -9.07 -3.47 1.14
CA ALA A 169 -8.28 -2.63 2.03
C ALA A 169 -8.85 -1.23 2.08
N ARG A 170 -8.69 -0.52 3.19
CA ARG A 170 -9.24 0.81 3.32
C ARG A 170 -8.45 1.85 2.55
N TYR A 171 -7.13 1.84 2.62
CA TYR A 171 -6.28 2.86 2.03
C TYR A 171 -5.24 2.27 1.11
N VAL A 172 -4.73 3.11 0.22
CA VAL A 172 -3.58 2.78 -0.58
C VAL A 172 -2.47 3.73 -0.21
N LEU A 173 -1.29 3.15 0.01
CA LEU A 173 -0.05 3.88 0.26
C LEU A 173 0.78 3.77 -1.01
N HIS A 174 0.76 4.86 -1.81
CA HIS A 174 1.46 4.89 -3.06
C HIS A 174 2.88 5.33 -2.82
N THR A 175 3.84 4.45 -3.10
CA THR A 175 5.25 4.81 -2.84
CA THR A 175 5.23 4.66 -2.81
C THR A 175 6.04 4.67 -4.11
N VAL A 176 7.08 5.47 -4.18
CA VAL A 176 7.92 5.52 -5.36
C VAL A 176 9.31 5.02 -5.01
N GLY A 177 9.65 3.85 -5.50
CA GLY A 177 10.97 3.30 -5.29
C GLY A 177 11.97 3.89 -6.24
N PRO A 178 13.27 3.74 -5.94
CA PRO A 178 14.29 4.22 -6.85
C PRO A 178 14.37 3.40 -8.12
N VAL A 179 14.88 4.04 -9.16
CA VAL A 179 15.30 3.32 -10.36
C VAL A 179 16.78 3.04 -10.09
N GLY A 180 17.12 1.76 -10.07
CA GLY A 180 18.47 1.36 -9.72
C GLY A 180 18.62 1.05 -8.25
N GLU A 181 19.77 0.45 -7.95
CA GLU A 181 20.01 -0.04 -6.60
C GLU A 181 20.53 1.09 -5.72
N ARG A 182 19.59 1.79 -5.12
CA ARG A 182 19.85 2.89 -4.20
C ARG A 182 19.22 2.49 -2.88
N PRO A 183 20.00 1.80 -2.02
CA PRO A 183 19.38 1.22 -0.83
C PRO A 183 18.79 2.22 0.13
N ASP A 184 19.45 3.37 0.27
CA ASP A 184 18.90 4.37 1.18
CA ASP A 184 18.98 4.56 1.00
C ASP A 184 17.53 4.88 0.69
N MET A 185 17.26 4.91 -0.61
CA MET A 185 15.91 5.35 -1.06
CA MET A 185 15.96 5.32 -1.12
C MET A 185 14.91 4.22 -0.95
N LEU A 186 15.30 2.98 -1.20
CA LEU A 186 14.37 1.87 -0.97
C LEU A 186 14.05 1.76 0.52
N ARG A 187 15.05 1.91 1.39
CA ARG A 187 14.79 1.93 2.83
CA ARG A 187 14.81 1.92 2.83
C ARG A 187 13.83 3.05 3.20
N LYS A 188 14.04 4.22 2.59
CA LYS A 188 13.17 5.35 2.86
C LYS A 188 11.72 5.08 2.48
N CYS A 189 11.50 4.40 1.36
CA CYS A 189 10.14 4.02 1.01
C CYS A 189 9.44 3.25 2.10
N TYR A 190 10.12 2.22 2.65
CA TYR A 190 9.53 1.43 3.72
C TYR A 190 9.30 2.29 4.97
N ARG A 191 10.28 3.12 5.31
CA ARG A 191 10.12 4.02 6.46
CA ARG A 191 10.12 4.00 6.46
C ARG A 191 8.94 4.97 6.28
N SER A 192 8.79 5.50 5.06
CA SER A 192 7.66 6.40 4.74
C SER A 192 6.29 5.72 4.90
N ILE A 193 6.18 4.53 4.36
CA ILE A 193 4.96 3.73 4.46
C ILE A 193 4.61 3.50 5.91
N LEU A 194 5.60 3.00 6.67
CA LEU A 194 5.38 2.65 8.06
C LEU A 194 5.08 3.89 8.91
N SER A 195 5.75 5.02 8.61
CA SER A 195 5.50 6.29 9.30
CA SER A 195 5.50 6.26 9.34
C SER A 195 4.07 6.77 9.12
N LEU A 196 3.57 6.68 7.89
CA LEU A 196 2.20 7.11 7.66
C LEU A 196 1.20 6.21 8.34
N ALA A 197 1.49 4.92 8.37
CA ALA A 197 0.61 3.99 9.10
C ALA A 197 0.57 4.35 10.59
N LEU A 198 1.74 4.60 11.16
CA LEU A 198 1.85 4.97 12.56
C LEU A 198 1.12 6.28 12.86
N LYS A 199 1.40 7.30 12.05
CA LYS A 199 0.81 8.62 12.27
C LYS A 199 -0.72 8.60 12.23
N ASN A 200 -1.27 7.76 11.36
CA ASN A 200 -2.70 7.75 11.10
C ASN A 200 -3.46 6.63 11.76
N GLY A 201 -2.78 5.83 12.57
CA GLY A 201 -3.42 4.78 13.33
C GLY A 201 -3.83 3.60 12.49
N LEU A 202 -3.09 3.33 11.41
CA LEU A 202 -3.34 2.16 10.59
C LEU A 202 -2.57 0.99 11.19
N ARG A 203 -3.25 -0.14 11.34
CA ARG A 203 -2.70 -1.25 12.13
C ARG A 203 -2.27 -2.44 11.32
N SER A 204 -2.54 -2.45 10.02
CA SER A 204 -2.15 -3.56 9.18
C SER A 204 -1.87 -3.06 7.76
N ILE A 205 -0.83 -3.61 7.15
CA ILE A 205 -0.34 -3.12 5.85
C ILE A 205 -0.04 -4.31 4.99
N GLY A 206 -0.55 -4.33 3.77
CA GLY A 206 -0.16 -5.28 2.76
C GLY A 206 0.86 -4.68 1.83
N PHE A 207 2.03 -5.27 1.70
CA PHE A 207 3.12 -4.81 0.87
C PHE A 207 3.16 -5.56 -0.44
N CYS A 208 3.62 -4.88 -1.48
CA CYS A 208 4.03 -5.49 -2.75
C CYS A 208 5.54 -5.25 -2.89
N CYS A 209 6.13 -5.86 -3.90
N CYS A 209 6.18 -5.78 -3.93
CA CYS A 209 7.53 -5.62 -4.18
CA CYS A 209 7.67 -5.77 -4.05
C CYS A 209 7.65 -4.23 -4.79
C CYS A 209 8.30 -4.55 -4.79
N VAL A 210 8.61 -3.50 -4.28
N VAL A 210 8.31 -3.41 -4.11
CA VAL A 210 8.83 -2.14 -4.68
CA VAL A 210 8.80 -2.14 -4.65
C VAL A 210 10.19 -2.09 -5.36
C VAL A 210 10.15 -2.19 -5.39
N SER A 211 10.19 -1.54 -6.57
CA SER A 211 11.43 -1.36 -7.40
C SER A 211 11.98 -2.58 -8.11
N THR A 212 11.43 -3.76 -7.84
CA THR A 212 11.92 -4.99 -8.46
C THR A 212 11.27 -5.16 -9.82
N GLY A 213 11.93 -5.86 -10.72
CA GLY A 213 11.44 -6.00 -12.09
C GLY A 213 11.81 -4.79 -12.94
N VAL A 214 10.80 -4.02 -13.39
CA VAL A 214 11.02 -2.93 -14.37
C VAL A 214 11.99 -1.84 -13.87
N TYR A 215 11.93 -1.52 -12.57
CA TYR A 215 12.85 -0.53 -11.99
C TYR A 215 14.23 -1.11 -11.69
N GLY A 216 14.37 -2.42 -11.87
CA GLY A 216 15.68 -3.04 -11.89
C GLY A 216 16.34 -3.18 -10.53
N TYR A 217 15.59 -3.05 -9.41
CA TYR A 217 16.16 -3.32 -8.10
C TYR A 217 16.26 -4.82 -7.93
N PRO A 218 17.48 -5.36 -7.78
CA PRO A 218 17.58 -6.80 -7.64
C PRO A 218 16.71 -7.36 -6.51
N LEU A 219 16.06 -8.48 -6.78
CA LEU A 219 15.01 -8.99 -5.93
C LEU A 219 15.50 -9.36 -4.52
N LEU A 220 16.59 -10.11 -4.41
CA LEU A 220 17.05 -10.51 -3.09
C LEU A 220 17.48 -9.29 -2.25
N PRO A 221 18.28 -8.37 -2.81
CA PRO A 221 18.64 -7.19 -2.03
C PRO A 221 17.42 -6.34 -1.63
N ALA A 222 16.43 -6.22 -2.50
CA ALA A 222 15.22 -5.50 -2.18
C ALA A 222 14.45 -6.13 -1.03
N THR A 223 14.35 -7.45 -1.09
CA THR A 223 13.65 -8.23 -0.07
C THR A 223 14.32 -8.11 1.29
N ARG A 224 15.65 -8.13 1.29
CA ARG A 224 16.39 -7.92 2.54
C ARG A 224 16.07 -6.57 3.18
N ILE A 225 15.95 -5.54 2.33
CA ILE A 225 15.62 -4.22 2.82
C ILE A 225 14.18 -4.16 3.34
N ALA A 226 13.24 -4.72 2.58
CA ALA A 226 11.84 -4.69 2.97
C ALA A 226 11.66 -5.31 4.34
N LEU A 227 12.22 -6.50 4.51
CA LEU A 227 12.10 -7.21 5.79
C LEU A 227 12.91 -6.53 6.90
N GLY A 228 14.10 -6.04 6.56
CA GLY A 228 14.93 -5.37 7.56
C GLY A 228 14.29 -4.12 8.13
N GLU A 229 13.75 -3.27 7.24
CA GLU A 229 13.11 -2.05 7.70
C GLU A 229 11.85 -2.32 8.47
N THR A 230 11.09 -3.30 8.04
CA THR A 230 9.85 -3.64 8.72
C THR A 230 10.15 -4.19 10.12
N ARG A 231 11.16 -5.05 10.21
CA ARG A 231 11.64 -5.57 11.52
CA ARG A 231 11.51 -5.57 11.51
C ARG A 231 12.03 -4.44 12.44
N LYS A 232 12.85 -3.51 11.91
CA LYS A 232 13.33 -2.39 12.73
CA LYS A 232 13.33 -2.37 12.68
C LYS A 232 12.17 -1.58 13.26
N PHE A 233 11.19 -1.32 12.40
CA PHE A 233 10.03 -0.55 12.81
C PHE A 233 9.24 -1.28 13.90
N LEU A 234 8.98 -2.57 13.69
CA LEU A 234 8.24 -3.37 14.67
C LEU A 234 8.93 -3.43 16.04
N GLU A 235 10.25 -3.40 16.01
CA GLU A 235 11.06 -3.38 17.24
C GLU A 235 10.92 -2.06 17.99
N GLU A 236 10.84 -0.96 17.23
CA GLU A 236 10.76 0.36 17.83
C GLU A 236 9.35 0.78 18.26
N HIS A 237 8.34 0.32 17.52
CA HIS A 237 6.95 0.75 17.67
C HIS A 237 6.04 -0.42 17.95
N GLY A 238 6.53 -1.33 18.78
CA GLY A 238 5.79 -2.53 19.12
C GLY A 238 4.50 -2.17 19.81
N GLY A 239 3.39 -2.68 19.28
CA GLY A 239 2.06 -2.37 19.78
C GLY A 239 1.23 -1.48 18.86
N ALA A 240 1.90 -0.79 17.91
CA ALA A 240 1.25 0.05 16.90
C ALA A 240 0.73 -0.71 15.68
N LEU A 241 1.41 -1.78 15.29
CA LEU A 241 1.02 -2.58 14.13
C LEU A 241 0.71 -3.98 14.54
N ASP A 242 -0.29 -4.55 13.92
CA ASP A 242 -0.67 -5.93 14.15
C ASP A 242 -0.17 -6.86 13.05
N MET A 243 -0.09 -6.39 11.80
CA MET A 243 0.26 -7.26 10.70
C MET A 243 0.92 -6.50 9.57
N CYS A 244 2.06 -6.96 9.09
CA CYS A 244 2.71 -6.54 7.86
C CYS A 244 2.76 -7.77 6.97
N CYS A 245 1.95 -7.78 5.92
CA CYS A 245 1.84 -8.91 5.05
C CYS A 245 2.53 -8.63 3.72
N PHE A 246 3.44 -9.47 3.29
CA PHE A 246 4.15 -9.32 2.03
C PHE A 246 3.48 -10.20 1.01
N ALA A 247 2.75 -9.55 0.09
CA ALA A 247 2.10 -10.24 -0.98
C ALA A 247 3.09 -10.46 -2.09
N CYS A 248 3.19 -11.71 -2.54
CA CYS A 248 4.14 -12.11 -3.54
C CYS A 248 3.35 -12.70 -4.68
N PHE A 249 3.19 -11.92 -5.74
CA PHE A 249 2.41 -12.31 -6.90
C PHE A 249 3.10 -13.42 -7.69
N GLN A 250 4.44 -13.43 -7.71
CA GLN A 250 5.23 -14.45 -8.42
C GLN A 250 5.90 -15.41 -7.43
N GLU A 251 6.07 -16.66 -7.87
CA GLU A 251 6.68 -17.68 -7.02
C GLU A 251 8.12 -17.31 -6.61
N ASP A 252 8.89 -16.71 -7.52
CA ASP A 252 10.28 -16.31 -7.20
C ASP A 252 10.34 -15.29 -6.06
N GLU A 253 9.40 -14.34 -6.06
CA GLU A 253 9.26 -13.38 -4.96
C GLU A 253 8.96 -14.13 -3.67
N TYR A 254 7.97 -15.02 -3.71
CA TYR A 254 7.57 -15.73 -2.50
C TYR A 254 8.73 -16.52 -1.92
N LYS A 255 9.43 -17.28 -2.78
CA LYS A 255 10.55 -18.09 -2.33
C LYS A 255 11.70 -17.24 -1.78
N THR A 256 11.91 -16.05 -2.33
CA THR A 256 12.95 -15.15 -1.82
C THR A 256 12.60 -14.65 -0.41
N TYR A 257 11.36 -14.20 -0.22
CA TYR A 257 10.90 -13.81 1.11
C TYR A 257 11.02 -14.98 2.09
N GLU A 258 10.60 -16.17 1.67
CA GLU A 258 10.70 -17.38 2.51
C GLU A 258 12.15 -17.64 2.93
N LYS A 259 13.08 -17.54 1.98
CA LYS A 259 14.48 -17.80 2.32
C LYS A 259 15.04 -16.74 3.27
N CYS A 260 14.61 -15.49 3.11
CA CYS A 260 15.07 -14.40 4.00
C CYS A 260 14.51 -14.42 5.41
N VAL A 261 13.32 -15.01 5.60
CA VAL A 261 12.76 -15.16 6.96
C VAL A 261 13.07 -16.51 7.62
N GLY A 262 13.84 -17.37 6.92
CA GLY A 262 14.30 -18.64 7.50
C GLY A 262 13.68 -19.86 6.82
C1 GOL B . 0.37 -7.09 -11.18
O1 GOL B . 0.18 -7.89 -12.35
C2 GOL B . 0.25 -7.92 -9.90
O2 GOL B . -1.04 -7.73 -9.29
C3 GOL B . 1.29 -7.49 -8.87
O3 GOL B . 2.61 -7.84 -9.34
C1 GOL C . 7.41 14.24 -9.22
O1 GOL C . 6.17 13.97 -9.86
C2 GOL C . 7.40 15.70 -8.83
O2 GOL C . 8.43 16.36 -9.57
C3 GOL C . 7.54 15.77 -7.32
O3 GOL C . 6.37 15.13 -6.80
#